data_4X5Z
#
_entry.id   4X5Z
#
_cell.length_a   49.013
_cell.length_b   80.178
_cell.length_c   124.887
_cell.angle_alpha   90.000
_cell.angle_beta   90.000
_cell.angle_gamma   90.000
#
_symmetry.space_group_name_H-M   'P 21 21 21'
#
loop_
_entity.id
_entity.type
_entity.pdbx_description
1 polymer Menin
2 non-polymer 'SULFATE ION'
3 non-polymer 5-[(4-{[6-(2,2,2-trifluoroethyl)thieno[2,3-d]pyrimidin-4-yl]amino}piperidin-1-yl)methyl]-1H-indole-2-carbonitrile
4 non-polymer 'TETRAETHYLENE GLYCOL'
5 non-polymer 'DIMETHYL SULFOXIDE'
6 non-polymer 1,2-ETHANEDIOL
7 water water
#
_entity_poly.entity_id   1
_entity_poly.type   'polypeptide(L)'
_entity_poly.pdbx_seq_one_letter_code
;GGSSSMGLKAAQKTLFPLRSIDDVVRLFAAELGREEPDLVLLSLVLGFVEHFLAVNRVGLTYFPVADLSIIAALYARFTA
QIRGAVDLSLYPREGGVSSRELVKKVSDVIWNSLSRSYFKDRAHIQSLFSFITGTKLDSSGVAFAVVGACQALGLRDVHL
ALSEDHAWVVFGPNGEQTAEVTWHGKGNEDRRGQTVNAGVAERSWLYLKGSYMRCDRKMEVAFMVCAINPSIDLHTDSLE
LLQLQQKLLWLLYDLGHLERYPMALGNLADLEELEPTPGRPDPLTLYHKGIASAKTYYRDEHIYPYMYLAGYHCRNRNVR
EALQAWADTATVIQDYNYCREDEEIYKEFFEVANDVIPNLLKEAASLLEAGSQGSALQDPECFAHLLRFYDGICKWEEGS
PTPVLHVGWATFLVQSLGRFEGQVRQKVRIVSVPAPAASPPPEGPVLTFQSEKMKGMKELLVATKINSSAIKLQLTAQSQ
VQMKKQKVS
;
_entity_poly.pdbx_strand_id   A
#
loop_
_chem_comp.id
_chem_comp.type
_chem_comp.name
_chem_comp.formula
3XY non-polymer 5-[(4-{[6-(2,2,2-trifluoroethyl)thieno[2,3-d]pyrimidin-4-yl]amino}piperidin-1-yl)methyl]-1H-indole-2-carbonitrile 'C23 H21 F3 N6 S'
DMS non-polymer 'DIMETHYL SULFOXIDE' 'C2 H6 O S'
EDO non-polymer 1,2-ETHANEDIOL 'C2 H6 O2'
PG4 non-polymer 'TETRAETHYLENE GLYCOL' 'C8 H18 O5'
SO4 non-polymer 'SULFATE ION' 'O4 S -2'
#
# COMPACT_ATOMS: atom_id res chain seq x y z
N GLY A 7 -17.19 -26.00 3.07
CA GLY A 7 -17.58 -27.40 2.71
C GLY A 7 -17.22 -27.92 1.32
N LEU A 8 -17.78 -27.35 0.25
CA LEU A 8 -18.73 -26.23 0.28
C LEU A 8 -20.04 -26.65 0.89
N LYS A 9 -20.72 -25.69 1.48
CA LYS A 9 -22.03 -25.93 2.08
C LYS A 9 -23.11 -25.67 1.04
N ALA A 10 -24.25 -26.35 1.19
CA ALA A 10 -25.32 -26.25 0.20
C ALA A 10 -25.64 -24.80 -0.09
N ALA A 11 -25.77 -24.03 0.98
CA ALA A 11 -26.07 -22.58 0.91
C ALA A 11 -25.07 -21.76 0.10
N GLN A 12 -23.82 -22.16 0.11
CA GLN A 12 -22.80 -21.44 -0.65
C GLN A 12 -22.85 -21.74 -2.13
N LYS A 13 -23.59 -22.78 -2.55
CA LYS A 13 -23.59 -23.22 -3.97
C LYS A 13 -24.75 -22.68 -4.79
N THR A 14 -25.77 -22.11 -4.15
CA THR A 14 -27.03 -21.80 -4.83
C THR A 14 -26.92 -20.67 -5.84
N LEU A 15 -25.92 -19.83 -5.71
CA LEU A 15 -25.78 -18.77 -6.70
C LEU A 15 -25.06 -19.16 -7.98
N PHE A 16 -24.49 -20.35 -8.05
CA PHE A 16 -23.78 -20.73 -9.27
C PHE A 16 -24.80 -21.21 -10.31
N PRO A 17 -24.46 -21.07 -11.59
CA PRO A 17 -23.21 -20.52 -12.09
C PRO A 17 -23.20 -19.01 -12.06
N LEU A 18 -22.00 -18.45 -11.90
CA LEU A 18 -21.82 -16.99 -11.94
C LEU A 18 -21.66 -16.54 -13.37
N ARG A 19 -22.62 -15.75 -13.90
CA ARG A 19 -22.58 -15.39 -15.32
C ARG A 19 -22.28 -13.93 -15.63
N SER A 20 -22.01 -13.15 -14.60
CA SER A 20 -21.77 -11.72 -14.77
C SER A 20 -21.02 -11.15 -13.56
N ILE A 21 -20.49 -9.95 -13.72
CA ILE A 21 -19.97 -9.17 -12.60
C ILE A 21 -20.95 -9.12 -11.42
N ASP A 22 -22.18 -8.78 -11.73
CA ASP A 22 -23.19 -8.70 -10.71
C ASP A 22 -23.42 -10.00 -9.95
N ASP A 23 -23.41 -11.15 -10.64
CA ASP A 23 -23.49 -12.47 -9.96
C ASP A 23 -22.27 -12.65 -9.00
N VAL A 24 -21.07 -12.28 -9.42
CA VAL A 24 -19.92 -12.30 -8.50
C VAL A 24 -20.19 -11.42 -7.23
N VAL A 25 -20.65 -10.18 -7.41
CA VAL A 25 -21.02 -9.30 -6.30
C VAL A 25 -22.05 -9.96 -5.37
N ARG A 26 -23.06 -10.63 -5.95
CA ARG A 26 -24.05 -11.34 -5.13
C ARG A 26 -23.43 -12.42 -4.25
N LEU A 27 -22.44 -13.13 -4.80
CA LEU A 27 -21.73 -14.15 -4.05
C LEU A 27 -20.98 -13.52 -2.89
N PHE A 28 -20.28 -12.42 -3.16
CA PHE A 28 -19.57 -11.71 -2.10
C PHE A 28 -20.51 -11.20 -1.01
N ALA A 29 -21.65 -10.69 -1.42
CA ALA A 29 -22.64 -10.25 -0.47
C ALA A 29 -23.15 -11.35 0.40
N ALA A 30 -23.42 -12.51 -0.20
CA ALA A 30 -23.90 -13.64 0.52
C ALA A 30 -22.86 -14.10 1.54
N GLU A 31 -21.60 -14.26 1.10
CA GLU A 31 -20.54 -14.66 2.00
C GLU A 31 -20.27 -13.66 3.12
N LEU A 32 -20.38 -12.39 2.80
CA LEU A 32 -20.17 -11.37 3.83
C LEU A 32 -21.33 -11.32 4.83
N GLY A 33 -22.47 -11.89 4.49
CA GLY A 33 -23.57 -12.02 5.43
C GLY A 33 -23.47 -13.25 6.33
N ARG A 34 -22.41 -14.03 6.17
CA ARG A 34 -22.23 -15.19 6.99
C ARG A 34 -21.32 -14.90 8.16
N GLU A 35 -21.54 -15.74 9.16
CA GLU A 35 -20.66 -15.93 10.29
C GLU A 35 -19.21 -15.67 9.91
N GLU A 36 -18.72 -16.38 8.90
CA GLU A 36 -17.34 -16.28 8.40
C GLU A 36 -17.37 -16.36 6.86
N PRO A 37 -17.11 -15.26 6.16
CA PRO A 37 -16.97 -15.41 4.73
C PRO A 37 -15.85 -16.42 4.39
N ASP A 38 -16.14 -17.24 3.38
CA ASP A 38 -15.23 -18.30 2.96
C ASP A 38 -14.10 -17.72 2.08
N LEU A 39 -12.93 -17.49 2.69
CA LEU A 39 -11.81 -16.88 1.97
C LEU A 39 -11.34 -17.71 0.74
N VAL A 40 -11.34 -19.01 0.90
CA VAL A 40 -10.86 -19.92 -0.14
C VAL A 40 -11.79 -19.82 -1.37
N LEU A 41 -13.08 -19.97 -1.13
CA LEU A 41 -14.08 -19.85 -2.20
C LEU A 41 -13.92 -18.53 -2.93
N LEU A 42 -13.83 -17.43 -2.16
CA LEU A 42 -13.87 -16.11 -2.75
C LEU A 42 -12.58 -15.83 -3.56
N SER A 43 -11.43 -16.27 -3.08
CA SER A 43 -10.16 -16.08 -3.79
C SER A 43 -10.12 -16.92 -5.07
N LEU A 44 -10.66 -18.14 -5.00
CA LEU A 44 -10.75 -18.99 -6.18
C LEU A 44 -11.59 -18.36 -7.25
N VAL A 45 -12.77 -17.84 -6.88
CA VAL A 45 -13.65 -17.19 -7.83
C VAL A 45 -12.94 -15.98 -8.45
N LEU A 46 -12.39 -15.11 -7.62
CA LEU A 46 -11.71 -13.92 -8.17
C LEU A 46 -10.55 -14.32 -9.09
N GLY A 47 -9.76 -15.33 -8.69
CA GLY A 47 -8.63 -15.70 -9.50
C GLY A 47 -9.06 -16.31 -10.83
N PHE A 48 -10.18 -17.04 -10.79
CA PHE A 48 -10.74 -17.63 -11.99
C PHE A 48 -11.16 -16.53 -12.97
N VAL A 49 -11.94 -15.58 -12.47
CA VAL A 49 -12.44 -14.51 -13.37
C VAL A 49 -11.33 -13.59 -13.85
N GLU A 50 -10.35 -13.31 -13.00
CA GLU A 50 -9.16 -12.54 -13.41
C GLU A 50 -8.37 -13.29 -14.49
N HIS A 51 -8.28 -14.60 -14.35
CA HIS A 51 -7.51 -15.35 -15.30
C HIS A 51 -8.14 -15.21 -16.71
N PHE A 52 -9.44 -15.43 -16.77
CA PHE A 52 -10.14 -15.36 -18.03
C PHE A 52 -10.54 -13.99 -18.49
N LEU A 53 -10.29 -12.95 -17.70
CA LEU A 53 -10.48 -11.57 -18.18
C LEU A 53 -9.20 -10.83 -18.39
N ALA A 54 -8.10 -11.28 -17.79
CA ALA A 54 -6.86 -10.59 -17.91
C ALA A 54 -5.68 -11.44 -18.40
N VAL A 55 -5.62 -12.72 -18.08
CA VAL A 55 -4.47 -13.52 -18.46
C VAL A 55 -4.70 -14.15 -19.82
N ASN A 56 -5.87 -14.75 -20.00
CA ASN A 56 -6.28 -15.35 -21.28
C ASN A 56 -7.74 -15.04 -21.65
N ARG A 57 -7.92 -14.07 -22.54
CA ARG A 57 -9.22 -13.63 -23.01
C ARG A 57 -9.71 -14.33 -24.31
N VAL A 58 -9.01 -15.36 -24.75
CA VAL A 58 -9.43 -16.15 -25.89
C VAL A 58 -10.81 -16.74 -25.70
N GLY A 59 -11.75 -16.45 -26.59
CA GLY A 59 -13.08 -17.01 -26.49
C GLY A 59 -14.09 -16.20 -25.70
N LEU A 60 -13.61 -15.12 -25.15
CA LEU A 60 -14.43 -14.24 -24.31
C LEU A 60 -15.53 -13.58 -25.12
N THR A 61 -16.78 -13.73 -24.70
CA THR A 61 -17.86 -13.01 -25.35
C THR A 61 -18.56 -11.98 -24.43
N TYR A 62 -18.46 -12.17 -23.13
CA TYR A 62 -19.02 -11.19 -22.20
C TYR A 62 -18.40 -11.36 -20.82
N PHE A 63 -18.42 -12.59 -20.32
CA PHE A 63 -17.99 -12.83 -18.94
C PHE A 63 -17.69 -14.29 -18.81
N PRO A 64 -16.53 -14.63 -18.18
CA PRO A 64 -16.22 -16.05 -18.02
C PRO A 64 -17.10 -16.70 -17.01
N VAL A 65 -18.00 -17.56 -17.48
CA VAL A 65 -18.97 -18.22 -16.62
C VAL A 65 -18.22 -19.12 -15.67
N ALA A 66 -18.42 -18.89 -14.36
CA ALA A 66 -17.86 -19.76 -13.33
C ALA A 66 -18.89 -20.81 -12.94
N ASP A 67 -18.69 -22.02 -13.44
CA ASP A 67 -19.55 -23.16 -13.13
C ASP A 67 -19.18 -23.76 -11.79
N LEU A 68 -20.19 -24.20 -11.06
CA LEU A 68 -19.98 -24.81 -9.77
C LEU A 68 -19.02 -25.98 -9.86
N SER A 69 -19.17 -26.81 -10.90
CA SER A 69 -18.35 -28.04 -10.96
C SER A 69 -16.87 -27.68 -11.02
N ILE A 70 -16.56 -26.63 -11.78
CA ILE A 70 -15.20 -26.07 -11.96
C ILE A 70 -14.66 -25.50 -10.63
N ILE A 71 -15.45 -24.62 -10.00
CA ILE A 71 -15.04 -23.93 -8.75
C ILE A 71 -14.92 -24.92 -7.62
N ALA A 72 -15.87 -25.84 -7.57
CA ALA A 72 -15.84 -26.84 -6.52
C ALA A 72 -14.66 -27.80 -6.66
N ALA A 73 -14.23 -28.08 -7.88
CA ALA A 73 -13.11 -28.96 -8.08
C ALA A 73 -11.81 -28.27 -7.60
N LEU A 74 -11.66 -26.99 -7.92
CA LEU A 74 -10.50 -26.18 -7.45
C LEU A 74 -10.48 -26.14 -5.93
N TYR A 75 -11.66 -25.92 -5.37
CA TYR A 75 -11.83 -25.85 -3.92
C TYR A 75 -11.41 -27.15 -3.23
N ALA A 76 -11.85 -28.30 -3.78
CA ALA A 76 -11.43 -29.58 -3.28
C ALA A 76 -9.95 -29.81 -3.44
N ARG A 77 -9.30 -29.31 -4.49
CA ARG A 77 -7.85 -29.54 -4.65
C ARG A 77 -7.11 -28.83 -3.50
N PHE A 78 -7.51 -27.60 -3.22
CA PHE A 78 -6.92 -26.85 -2.12
C PHE A 78 -7.12 -27.52 -0.78
N THR A 79 -8.37 -27.84 -0.43
CA THR A 79 -8.63 -28.35 0.89
C THR A 79 -8.01 -29.73 1.07
N ALA A 80 -7.93 -30.54 0.00
CA ALA A 80 -7.29 -31.84 0.11
C ALA A 80 -5.76 -31.71 0.32
N GLN A 81 -5.15 -30.70 -0.31
CA GLN A 81 -3.72 -30.46 -0.14
C GLN A 81 -3.40 -30.07 1.32
N ILE A 82 -4.22 -29.17 1.88
CA ILE A 82 -3.99 -28.66 3.23
C ILE A 82 -4.32 -29.71 4.29
N ARG A 83 -5.46 -30.34 4.17
CA ARG A 83 -5.91 -31.35 5.14
C ARG A 83 -5.02 -32.57 5.13
N GLY A 84 -4.46 -32.90 3.99
CA GLY A 84 -3.57 -34.03 3.87
C GLY A 84 -2.22 -33.77 4.51
N ALA A 85 -1.72 -32.54 4.39
CA ALA A 85 -0.36 -32.23 4.77
C ALA A 85 -0.26 -31.71 6.21
N VAL A 86 -1.34 -31.18 6.75
CA VAL A 86 -1.30 -30.58 8.08
C VAL A 86 -2.13 -31.49 9.00
N ASP A 87 -1.47 -32.29 9.82
CA ASP A 87 -2.19 -33.18 10.75
C ASP A 87 -2.46 -32.46 12.09
N LEU A 88 -3.68 -31.97 12.27
CA LEU A 88 -4.02 -31.17 13.48
C LEU A 88 -3.84 -31.91 14.82
N SER A 89 -3.91 -33.24 14.82
CA SER A 89 -3.68 -34.00 16.04
C SER A 89 -2.26 -33.85 16.58
N LEU A 90 -1.30 -33.48 15.74
CA LEU A 90 0.06 -33.23 16.19
C LEU A 90 0.29 -31.91 16.92
N TYR A 91 -0.74 -31.06 16.93
CA TYR A 91 -0.66 -29.65 17.42
C TYR A 91 -1.93 -29.32 18.22
N PRO A 92 -2.06 -29.90 19.43
CA PRO A 92 -3.31 -29.73 20.20
C PRO A 92 -3.57 -28.26 20.54
N ARG A 93 -4.81 -27.81 20.35
CA ARG A 93 -5.14 -26.39 20.51
C ARG A 93 -5.68 -26.08 21.90
N GLU A 94 -4.88 -25.41 22.72
CA GLU A 94 -5.30 -24.99 24.05
C GLU A 94 -6.22 -23.77 23.93
N GLY A 95 -7.51 -23.95 24.19
CA GLY A 95 -8.43 -22.82 24.41
C GLY A 95 -9.00 -22.17 23.17
N GLY A 96 -9.17 -22.98 22.13
CA GLY A 96 -9.58 -22.49 20.83
C GLY A 96 -8.59 -21.56 20.14
N VAL A 97 -7.31 -21.63 20.54
CA VAL A 97 -6.25 -20.86 19.86
C VAL A 97 -5.09 -21.73 19.34
N SER A 98 -4.48 -21.26 18.27
CA SER A 98 -3.44 -21.98 17.62
C SER A 98 -2.09 -21.76 18.24
N SER A 99 -1.17 -22.64 17.92
CA SER A 99 0.19 -22.51 18.37
C SER A 99 1.16 -22.02 17.28
N ARG A 100 2.32 -21.55 17.70
CA ARG A 100 3.33 -21.12 16.74
C ARG A 100 3.76 -22.22 15.80
N GLU A 101 3.97 -23.42 16.32
CA GLU A 101 4.36 -24.58 15.52
C GLU A 101 3.36 -24.89 14.42
N LEU A 102 2.08 -24.80 14.75
CA LEU A 102 1.01 -25.05 13.78
C LEU A 102 0.98 -24.02 12.69
N VAL A 103 1.08 -22.73 13.07
CA VAL A 103 1.12 -21.65 12.05
C VAL A 103 2.32 -21.86 11.16
N LYS A 104 3.43 -22.26 11.76
CA LYS A 104 4.65 -22.50 10.96
C LYS A 104 4.50 -23.69 9.99
N LYS A 105 3.83 -24.73 10.44
CA LYS A 105 3.59 -25.85 9.58
C LYS A 105 2.71 -25.46 8.42
N VAL A 106 1.64 -24.72 8.66
CA VAL A 106 0.83 -24.25 7.53
C VAL A 106 1.65 -23.42 6.52
N SER A 107 2.46 -22.47 7.01
CA SER A 107 3.37 -21.68 6.13
C SER A 107 4.34 -22.55 5.31
N ASP A 108 4.96 -23.53 5.98
CA ASP A 108 5.80 -24.49 5.30
C ASP A 108 5.07 -25.25 4.18
N VAL A 109 3.85 -25.69 4.45
CA VAL A 109 3.07 -26.43 3.44
C VAL A 109 2.83 -25.60 2.18
N ILE A 110 2.46 -24.35 2.37
CA ILE A 110 2.24 -23.44 1.24
C ILE A 110 3.56 -23.16 0.49
N TRP A 111 4.56 -22.77 1.24
CA TRP A 111 5.89 -22.53 0.70
C TRP A 111 6.43 -23.71 -0.06
N ASN A 112 6.34 -24.88 0.56
CA ASN A 112 6.88 -26.11 -0.05
C ASN A 112 6.13 -26.50 -1.34
N SER A 113 4.91 -26.02 -1.53
CA SER A 113 4.13 -26.31 -2.77
C SER A 113 4.49 -25.43 -3.98
N LEU A 114 5.24 -24.34 -3.78
CA LEU A 114 5.46 -23.38 -4.83
C LEU A 114 6.51 -23.89 -5.83
N SER A 115 6.33 -23.51 -7.08
CA SER A 115 7.32 -23.79 -8.16
C SER A 115 8.66 -23.25 -7.72
N ARG A 116 9.70 -24.08 -7.92
CA ARG A 116 11.07 -23.86 -7.43
C ARG A 116 11.64 -22.51 -7.85
N SER A 117 11.36 -22.14 -9.09
CA SER A 117 11.93 -20.94 -9.70
C SER A 117 10.83 -20.26 -10.47
N TYR A 118 10.60 -18.98 -10.19
CA TYR A 118 9.78 -18.12 -11.06
C TYR A 118 9.98 -16.63 -10.81
N PHE A 119 9.33 -15.77 -11.62
CA PHE A 119 9.45 -14.34 -11.39
C PHE A 119 8.39 -13.99 -10.37
N LYS A 120 8.86 -13.62 -9.18
CA LYS A 120 7.99 -13.43 -8.01
C LYS A 120 7.06 -12.22 -8.06
N ASP A 121 7.33 -11.25 -8.92
CA ASP A 121 6.50 -10.06 -9.06
C ASP A 121 5.83 -9.96 -10.46
N ARG A 122 5.43 -11.11 -10.97
CA ARG A 122 4.51 -11.17 -12.10
C ARG A 122 3.16 -10.65 -11.58
N ALA A 123 2.33 -10.21 -12.51
CA ALA A 123 0.97 -9.92 -12.21
C ALA A 123 0.21 -11.21 -12.19
N HIS A 124 -0.94 -11.19 -11.52
CA HIS A 124 -1.88 -12.29 -11.56
C HIS A 124 -1.40 -13.57 -10.86
N ILE A 125 -0.45 -13.44 -9.91
CA ILE A 125 -0.09 -14.60 -9.05
C ILE A 125 -0.50 -14.41 -7.57
N GLN A 126 -1.55 -13.65 -7.32
CA GLN A 126 -1.91 -13.28 -5.94
C GLN A 126 -2.97 -14.20 -5.28
N SER A 127 -3.65 -14.97 -6.10
CA SER A 127 -4.89 -15.67 -5.71
C SER A 127 -4.67 -17.18 -5.49
N LEU A 128 -5.63 -17.83 -4.82
CA LEU A 128 -5.54 -19.27 -4.70
C LEU A 128 -5.67 -19.96 -6.07
N PHE A 129 -6.33 -19.30 -7.02
CA PHE A 129 -6.42 -19.86 -8.36
C PHE A 129 -5.02 -20.01 -8.94
N SER A 130 -4.16 -19.01 -8.74
CA SER A 130 -2.74 -19.14 -9.16
C SER A 130 -1.98 -20.22 -8.37
N PHE A 131 -2.22 -20.29 -7.06
CA PHE A 131 -1.59 -21.34 -6.23
C PHE A 131 -1.91 -22.74 -6.73
N ILE A 132 -3.16 -22.98 -7.05
CA ILE A 132 -3.60 -24.34 -7.48
C ILE A 132 -3.25 -24.66 -8.93
N THR A 133 -3.45 -23.72 -9.83
CA THR A 133 -3.28 -24.03 -11.27
C THR A 133 -1.85 -23.79 -11.72
N GLY A 134 -1.12 -22.89 -11.04
CA GLY A 134 0.23 -22.52 -11.44
C GLY A 134 1.33 -22.82 -10.44
N THR A 135 0.98 -23.20 -9.23
CA THR A 135 1.94 -23.34 -8.10
C THR A 135 2.87 -22.12 -7.90
N LYS A 136 2.24 -20.96 -8.03
CA LYS A 136 2.90 -19.68 -7.95
C LYS A 136 2.09 -18.67 -7.13
N LEU A 137 2.78 -17.96 -6.23
CA LEU A 137 2.19 -16.94 -5.40
C LEU A 137 3.20 -15.83 -5.20
N ASP A 138 2.73 -14.58 -5.21
CA ASP A 138 3.59 -13.44 -4.82
C ASP A 138 3.69 -13.39 -3.29
N SER A 139 4.53 -12.53 -2.74
CA SER A 139 4.82 -12.52 -1.29
C SER A 139 3.60 -12.44 -0.41
N SER A 140 2.76 -11.43 -0.62
CA SER A 140 1.60 -11.27 0.23
C SER A 140 0.59 -12.36 -0.06
N GLY A 141 0.58 -12.87 -1.28
CA GLY A 141 -0.28 -13.97 -1.65
C GLY A 141 -0.03 -15.22 -0.78
N VAL A 142 1.24 -15.50 -0.48
CA VAL A 142 1.58 -16.60 0.45
C VAL A 142 0.95 -16.37 1.84
N ALA A 143 1.05 -15.17 2.36
CA ALA A 143 0.43 -14.88 3.67
C ALA A 143 -1.08 -15.02 3.65
N PHE A 144 -1.72 -14.57 2.57
CA PHE A 144 -3.16 -14.73 2.41
C PHE A 144 -3.51 -16.22 2.34
N ALA A 145 -2.73 -16.96 1.59
CA ALA A 145 -2.99 -18.39 1.47
C ALA A 145 -2.84 -19.12 2.80
N VAL A 146 -1.84 -18.72 3.61
CA VAL A 146 -1.72 -19.25 4.97
C VAL A 146 -3.00 -18.99 5.76
N VAL A 147 -3.52 -17.77 5.71
CA VAL A 147 -4.75 -17.47 6.41
C VAL A 147 -5.96 -18.26 5.86
N GLY A 148 -6.10 -18.39 4.53
CA GLY A 148 -7.17 -19.22 3.99
C GLY A 148 -7.08 -20.69 4.39
N ALA A 149 -5.89 -21.23 4.40
CA ALA A 149 -5.65 -22.60 4.80
C ALA A 149 -5.96 -22.81 6.28
N CYS A 150 -5.50 -21.89 7.16
CA CYS A 150 -5.91 -21.87 8.57
C CYS A 150 -7.44 -21.79 8.73
N GLN A 151 -8.12 -20.93 8.01
CA GLN A 151 -9.58 -20.93 8.07
C GLN A 151 -10.20 -22.29 7.65
N ALA A 152 -9.69 -22.89 6.60
CA ALA A 152 -10.17 -24.17 6.14
C ALA A 152 -9.95 -25.25 7.19
N LEU A 153 -8.86 -25.15 7.94
CA LEU A 153 -8.58 -26.10 9.03
C LEU A 153 -9.36 -25.83 10.29
N GLY A 154 -10.18 -24.78 10.31
CA GLY A 154 -10.94 -24.40 11.49
C GLY A 154 -10.23 -23.55 12.53
N LEU A 155 -9.11 -22.94 12.19
CA LEU A 155 -8.32 -22.12 13.12
C LEU A 155 -8.78 -20.65 13.07
N ARG A 156 -9.87 -20.38 13.80
CA ARG A 156 -10.57 -19.10 13.70
C ARG A 156 -9.75 -17.90 14.20
N ASP A 157 -8.68 -18.17 14.96
CA ASP A 157 -7.86 -17.11 15.54
C ASP A 157 -6.75 -16.60 14.62
N VAL A 158 -6.49 -17.27 13.49
CA VAL A 158 -5.34 -16.89 12.64
C VAL A 158 -5.83 -15.83 11.63
N HIS A 159 -5.21 -14.65 11.65
CA HIS A 159 -5.66 -13.51 10.83
C HIS A 159 -4.49 -12.83 10.14
N LEU A 160 -4.82 -12.19 9.04
CA LEU A 160 -3.85 -11.52 8.24
C LEU A 160 -3.49 -10.16 8.90
N ALA A 161 -2.21 -9.88 8.95
CA ALA A 161 -1.67 -8.60 9.38
C ALA A 161 -0.97 -7.95 8.17
N LEU A 162 -1.17 -6.64 8.02
CA LEU A 162 -0.72 -5.90 6.88
C LEU A 162 -0.04 -4.61 7.31
N SER A 163 1.18 -4.38 6.82
CA SER A 163 1.73 -3.02 6.78
C SER A 163 1.51 -2.43 5.40
N GLU A 164 2.22 -1.36 5.10
CA GLU A 164 2.10 -0.72 3.80
C GLU A 164 2.97 -1.39 2.77
N ASP A 165 3.87 -2.30 3.19
CA ASP A 165 4.70 -3.03 2.23
C ASP A 165 4.99 -4.47 2.61
N HIS A 166 4.27 -5.06 3.56
CA HIS A 166 4.50 -6.46 3.98
C HIS A 166 3.26 -7.04 4.61
N ALA A 167 3.28 -8.39 4.74
CA ALA A 167 2.16 -9.07 5.34
C ALA A 167 2.67 -10.25 6.15
N TRP A 168 1.92 -10.57 7.21
CA TRP A 168 2.24 -11.69 8.10
C TRP A 168 0.94 -12.12 8.76
N VAL A 169 1.01 -12.92 9.82
CA VAL A 169 -0.16 -13.29 10.58
C VAL A 169 -0.10 -12.96 12.06
N VAL A 170 -1.29 -12.79 12.58
CA VAL A 170 -1.50 -12.76 13.99
C VAL A 170 -2.29 -13.97 14.41
N PHE A 171 -2.15 -14.37 15.67
CA PHE A 171 -2.83 -15.57 16.14
C PHE A 171 -2.74 -15.66 17.66
N GLY A 172 -3.28 -16.74 18.21
CA GLY A 172 -2.99 -17.14 19.60
C GLY A 172 -3.88 -16.42 20.60
N PRO A 173 -3.53 -16.49 21.91
CA PRO A 173 -4.33 -15.88 22.98
C PRO A 173 -4.53 -14.41 22.70
N ASN A 174 -5.79 -13.97 22.68
CA ASN A 174 -6.15 -12.57 22.40
C ASN A 174 -5.71 -12.08 21.01
N GLY A 175 -5.28 -12.97 20.12
CA GLY A 175 -4.72 -12.55 18.83
C GLY A 175 -3.45 -11.75 19.05
N GLU A 176 -2.78 -11.97 20.16
CA GLU A 176 -1.61 -11.14 20.48
C GLU A 176 -0.32 -11.62 19.90
N GLN A 177 -0.25 -12.85 19.39
CA GLN A 177 1.01 -13.30 18.80
C GLN A 177 1.16 -12.90 17.33
N THR A 178 2.42 -12.68 16.92
CA THR A 178 2.73 -12.44 15.51
C THR A 178 3.69 -13.48 14.97
N ALA A 179 3.48 -13.86 13.71
CA ALA A 179 4.43 -14.70 13.01
C ALA A 179 4.64 -14.33 11.57
N GLU A 180 5.89 -14.29 11.17
CA GLU A 180 6.27 -14.18 9.77
C GLU A 180 5.93 -15.50 9.05
N VAL A 181 5.36 -15.39 7.85
CA VAL A 181 4.95 -16.58 7.07
C VAL A 181 5.37 -16.52 5.61
N THR A 182 5.92 -15.37 5.15
CA THR A 182 6.34 -15.22 3.80
C THR A 182 7.66 -14.43 3.79
N TRP A 183 8.19 -14.16 2.61
CA TRP A 183 9.40 -13.40 2.41
C TRP A 183 9.05 -11.93 2.22
N HIS A 184 10.02 -11.09 2.41
CA HIS A 184 9.88 -9.69 2.05
C HIS A 184 11.02 -9.32 1.11
N GLY A 185 10.66 -8.68 0.01
CA GLY A 185 11.62 -8.01 -0.83
C GLY A 185 12.42 -9.02 -1.58
N LYS A 186 13.62 -8.63 -1.98
CA LYS A 186 14.44 -9.39 -2.89
C LYS A 186 15.74 -9.55 -2.13
N GLY A 187 16.14 -10.79 -1.94
CA GLY A 187 17.41 -11.06 -1.28
C GLY A 187 17.53 -10.48 0.10
N ASN A 188 16.41 -10.38 0.82
CA ASN A 188 16.48 -10.33 2.28
C ASN A 188 16.39 -11.79 2.70
N GLU A 189 17.02 -12.16 3.82
CA GLU A 189 16.90 -13.55 4.26
C GLU A 189 15.67 -13.65 5.17
N ASP A 190 14.90 -14.73 4.99
CA ASP A 190 13.55 -14.80 5.56
C ASP A 190 13.61 -15.09 7.06
N ARG A 191 12.58 -14.61 7.77
CA ARG A 191 12.49 -14.76 9.23
C ARG A 191 11.20 -15.53 9.58
N ARG A 192 10.79 -16.45 8.68
CA ARG A 192 9.51 -17.13 8.82
C ARG A 192 9.52 -17.86 10.17
N GLY A 193 8.38 -17.79 10.87
CA GLY A 193 8.27 -18.37 12.18
C GLY A 193 8.51 -17.43 13.33
N GLN A 194 9.23 -16.32 13.09
CA GLN A 194 9.61 -15.35 14.14
C GLN A 194 8.55 -14.29 14.30
N THR A 195 8.59 -13.54 15.39
CA THR A 195 7.69 -12.40 15.61
C THR A 195 8.15 -11.22 14.77
N VAL A 196 7.35 -10.15 14.78
CA VAL A 196 7.75 -8.92 14.15
C VAL A 196 8.24 -7.92 15.22
N ASN A 197 8.51 -8.36 16.44
CA ASN A 197 8.83 -7.37 17.51
C ASN A 197 10.12 -6.60 17.31
N ALA A 198 11.15 -7.21 16.77
CA ALA A 198 12.45 -6.50 16.45
C ALA A 198 12.21 -5.35 15.46
N GLY A 199 11.37 -5.63 14.46
CA GLY A 199 10.98 -4.63 13.45
C GLY A 199 10.16 -3.50 14.05
N VAL A 200 9.24 -3.84 14.95
CA VAL A 200 8.46 -2.81 15.65
C VAL A 200 9.37 -1.96 16.53
N ALA A 201 10.20 -2.62 17.35
CA ALA A 201 11.17 -1.94 18.21
C ALA A 201 12.13 -0.99 17.47
N GLU A 202 12.58 -1.33 16.27
CA GLU A 202 13.52 -0.43 15.61
C GLU A 202 12.86 0.72 14.92
N ARG A 203 11.53 0.80 14.98
CA ARG A 203 10.78 1.91 14.40
C ARG A 203 10.97 2.04 12.88
N SER A 204 11.06 0.92 12.15
CA SER A 204 11.06 0.95 10.69
C SER A 204 9.64 1.24 10.17
N TRP A 205 9.59 1.83 8.99
CA TRP A 205 8.33 1.95 8.28
C TRP A 205 7.69 0.62 8.01
N LEU A 206 8.48 -0.38 7.69
CA LEU A 206 7.97 -1.72 7.34
C LEU A 206 7.01 -2.28 8.35
N TYR A 207 7.28 -2.02 9.64
CA TYR A 207 6.38 -2.50 10.71
C TYR A 207 5.51 -1.45 11.39
N LEU A 208 5.56 -0.23 10.84
CA LEU A 208 4.69 0.88 11.21
C LEU A 208 4.66 1.22 12.67
N LYS A 209 5.76 1.02 13.38
CA LYS A 209 5.81 1.21 14.85
C LYS A 209 4.68 0.46 15.59
N GLY A 210 4.17 -0.60 14.99
CA GLY A 210 3.16 -1.43 15.57
C GLY A 210 1.73 -1.04 15.18
N SER A 211 1.60 0.03 14.42
CA SER A 211 0.29 0.53 13.99
C SER A 211 -0.09 -0.02 12.60
N TYR A 212 0.15 -1.31 12.46
CA TYR A 212 -0.19 -2.08 11.25
C TYR A 212 -1.61 -2.61 11.38
N MET A 213 -2.18 -3.07 10.30
CA MET A 213 -3.58 -3.53 10.30
C MET A 213 -3.63 -4.97 10.82
N ARG A 214 -4.57 -5.26 11.72
CA ARG A 214 -4.86 -6.60 12.22
C ARG A 214 -6.23 -6.94 11.69
N CYS A 215 -6.26 -7.76 10.65
CA CYS A 215 -7.51 -7.96 9.90
C CYS A 215 -8.46 -8.87 10.66
N ASP A 216 -9.72 -8.54 10.54
CA ASP A 216 -10.78 -9.54 10.77
C ASP A 216 -11.14 -10.23 9.43
N ARG A 217 -12.08 -11.19 9.44
CA ARG A 217 -12.37 -11.94 8.25
C ARG A 217 -12.88 -11.04 7.13
N LYS A 218 -13.62 -10.02 7.51
CA LYS A 218 -14.15 -9.07 6.54
C LYS A 218 -13.06 -8.21 5.87
N MET A 219 -12.05 -7.79 6.64
CA MET A 219 -10.94 -7.02 6.11
C MET A 219 -10.08 -7.91 5.25
N GLU A 220 -10.03 -9.19 5.54
CA GLU A 220 -9.29 -10.10 4.64
C GLU A 220 -9.96 -10.23 3.28
N VAL A 221 -11.31 -10.23 3.28
CA VAL A 221 -12.05 -10.10 2.03
C VAL A 221 -11.71 -8.80 1.29
N ALA A 222 -11.65 -7.70 2.02
CA ALA A 222 -11.26 -6.39 1.43
C ALA A 222 -9.85 -6.44 0.82
N PHE A 223 -8.94 -7.15 1.48
CA PHE A 223 -7.60 -7.29 0.97
C PHE A 223 -7.59 -8.02 -0.39
N MET A 224 -8.28 -9.16 -0.50
CA MET A 224 -8.30 -9.91 -1.77
C MET A 224 -8.96 -9.08 -2.86
N VAL A 225 -9.91 -8.25 -2.49
CA VAL A 225 -10.51 -7.35 -3.51
C VAL A 225 -9.54 -6.24 -3.99
N CYS A 226 -8.79 -5.64 -3.06
CA CYS A 226 -7.72 -4.66 -3.41
C CYS A 226 -6.68 -5.35 -4.28
N ALA A 227 -6.48 -6.64 -4.03
CA ALA A 227 -5.44 -7.42 -4.72
C ALA A 227 -5.82 -7.82 -6.15
N ILE A 228 -7.08 -7.63 -6.55
CA ILE A 228 -7.47 -7.84 -7.94
C ILE A 228 -6.56 -7.00 -8.81
N ASN A 229 -6.11 -7.57 -9.91
CA ASN A 229 -5.24 -6.84 -10.81
C ASN A 229 -5.82 -6.75 -12.21
N PRO A 230 -6.45 -5.61 -12.53
CA PRO A 230 -7.15 -5.50 -13.82
C PRO A 230 -6.25 -5.44 -15.05
N SER A 231 -4.94 -5.41 -14.83
CA SER A 231 -4.04 -5.14 -15.92
C SER A 231 -3.94 -6.27 -16.90
N ILE A 232 -4.17 -5.93 -18.17
CA ILE A 232 -3.98 -6.92 -19.21
C ILE A 232 -2.54 -6.87 -19.72
N ASP A 233 -2.07 -5.65 -20.00
CA ASP A 233 -0.65 -5.37 -20.20
C ASP A 233 -0.34 -3.93 -19.82
N LEU A 234 0.85 -3.45 -20.16
CA LEU A 234 1.29 -2.08 -19.82
C LEU A 234 0.33 -0.97 -20.27
N HIS A 235 -0.41 -1.22 -21.35
CA HIS A 235 -1.24 -0.21 -22.00
C HIS A 235 -2.72 -0.39 -21.71
N THR A 236 -3.11 -1.56 -21.20
CA THR A 236 -4.51 -1.95 -21.23
C THR A 236 -4.96 -2.55 -19.93
N ASP A 237 -6.10 -2.06 -19.42
CA ASP A 237 -6.79 -2.65 -18.29
C ASP A 237 -8.07 -3.27 -18.75
N SER A 238 -8.45 -4.36 -18.10
CA SER A 238 -9.74 -4.96 -18.23
C SER A 238 -10.83 -4.07 -17.60
N LEU A 239 -11.71 -3.58 -18.45
CA LEU A 239 -12.83 -2.78 -17.97
C LEU A 239 -13.75 -3.60 -17.04
N GLU A 240 -13.91 -4.89 -17.35
CA GLU A 240 -14.74 -5.82 -16.58
C GLU A 240 -14.14 -5.97 -15.17
N LEU A 241 -12.82 -6.16 -15.07
CA LEU A 241 -12.20 -6.25 -13.73
C LEU A 241 -12.18 -4.93 -12.97
N LEU A 242 -11.99 -3.80 -13.67
CA LEU A 242 -12.10 -2.51 -12.98
C LEU A 242 -13.49 -2.38 -12.38
N GLN A 243 -14.54 -2.73 -13.14
CA GLN A 243 -15.93 -2.55 -12.66
C GLN A 243 -16.22 -3.52 -11.51
N LEU A 244 -15.72 -4.75 -11.61
CA LEU A 244 -15.93 -5.72 -10.53
C LEU A 244 -15.25 -5.28 -9.23
N GLN A 245 -14.01 -4.86 -9.31
CA GLN A 245 -13.29 -4.33 -8.15
C GLN A 245 -14.02 -3.17 -7.50
N GLN A 246 -14.51 -2.26 -8.34
CA GLN A 246 -15.14 -1.05 -7.88
C GLN A 246 -16.43 -1.42 -7.15
N LYS A 247 -17.21 -2.28 -7.76
CA LYS A 247 -18.50 -2.72 -7.15
C LYS A 247 -18.25 -3.45 -5.86
N LEU A 248 -17.28 -4.35 -5.86
CA LEU A 248 -16.95 -5.04 -4.61
C LEU A 248 -16.44 -4.10 -3.50
N LEU A 249 -15.59 -3.14 -3.84
CA LEU A 249 -15.22 -2.12 -2.87
C LEU A 249 -16.45 -1.34 -2.32
N TRP A 250 -17.41 -0.97 -3.17
CA TRP A 250 -18.56 -0.24 -2.65
C TRP A 250 -19.37 -1.13 -1.70
N LEU A 251 -19.44 -2.43 -2.01
CA LEU A 251 -20.22 -3.35 -1.17
C LEU A 251 -19.58 -3.39 0.22
N LEU A 252 -18.25 -3.54 0.26
CA LEU A 252 -17.50 -3.53 1.52
C LEU A 252 -17.65 -2.19 2.23
N TYR A 253 -17.55 -1.11 1.49
CA TYR A 253 -17.74 0.23 2.06
C TYR A 253 -19.10 0.35 2.76
N ASP A 254 -20.17 -0.05 2.04
CA ASP A 254 -21.57 0.04 2.56
C ASP A 254 -21.79 -0.76 3.80
N LEU A 255 -21.07 -1.86 3.93
CA LEU A 255 -21.21 -2.74 5.07
C LEU A 255 -20.26 -2.36 6.18
N GLY A 256 -19.42 -1.35 5.97
CA GLY A 256 -18.61 -0.83 7.06
C GLY A 256 -17.23 -1.45 7.17
N HIS A 257 -16.87 -2.29 6.21
CA HIS A 257 -15.64 -3.10 6.31
C HIS A 257 -14.41 -2.38 5.71
N LEU A 258 -14.55 -1.18 5.20
CA LEU A 258 -13.37 -0.35 4.82
C LEU A 258 -12.98 0.68 5.89
N GLU A 259 -13.76 0.73 6.98
CA GLU A 259 -13.58 1.71 8.04
C GLU A 259 -12.16 1.79 8.57
N ARG A 260 -11.50 0.63 8.73
CA ARG A 260 -10.14 0.50 9.21
C ARG A 260 -9.14 0.09 8.13
N TYR A 261 -9.44 0.43 6.88
CA TYR A 261 -8.55 0.04 5.75
C TYR A 261 -8.26 1.26 4.85
N PRO A 262 -7.39 2.15 5.33
CA PRO A 262 -7.05 3.36 4.58
C PRO A 262 -6.71 3.14 3.12
N MET A 263 -5.87 2.16 2.80
CA MET A 263 -5.45 1.98 1.40
C MET A 263 -6.60 1.49 0.48
N ALA A 264 -7.57 0.77 1.04
CA ALA A 264 -8.72 0.36 0.25
C ALA A 264 -9.56 1.56 -0.14
N LEU A 265 -9.65 2.53 0.76
CA LEU A 265 -10.39 3.78 0.44
C LEU A 265 -9.72 4.57 -0.68
N GLY A 266 -8.40 4.63 -0.67
CA GLY A 266 -7.66 5.26 -1.73
C GLY A 266 -7.82 4.52 -3.06
N ASN A 267 -7.71 3.18 -3.05
CA ASN A 267 -8.00 2.34 -4.25
C ASN A 267 -9.39 2.68 -4.82
N LEU A 268 -10.36 2.74 -3.94
CA LEU A 268 -11.74 3.04 -4.37
C LEU A 268 -11.84 4.48 -4.96
N ALA A 269 -11.17 5.43 -4.32
CA ALA A 269 -11.08 6.80 -4.85
C ALA A 269 -10.47 6.83 -6.23
N ASP A 270 -9.35 6.15 -6.44
CA ASP A 270 -8.70 6.06 -7.76
C ASP A 270 -9.66 5.51 -8.86
N LEU A 271 -10.46 4.51 -8.50
CA LEU A 271 -11.46 3.89 -9.38
C LEU A 271 -12.60 4.85 -9.75
N GLU A 272 -13.04 5.61 -8.78
CA GLU A 272 -14.06 6.61 -8.99
C GLU A 272 -13.60 7.77 -9.85
N GLU A 273 -12.34 8.17 -9.72
CA GLU A 273 -11.76 9.18 -10.59
C GLU A 273 -11.81 8.69 -12.03
N LEU A 274 -11.40 7.45 -12.24
CA LEU A 274 -11.46 6.82 -13.55
C LEU A 274 -12.88 6.72 -14.14
N GLU A 275 -13.85 6.37 -13.33
CA GLU A 275 -15.22 6.11 -13.82
C GLU A 275 -16.19 6.33 -12.69
N PRO A 276 -16.67 7.57 -12.55
CA PRO A 276 -17.46 7.85 -11.34
C PRO A 276 -18.78 7.13 -11.35
N THR A 277 -19.20 6.68 -10.15
CA THR A 277 -20.47 6.01 -9.94
C THR A 277 -21.50 7.07 -9.54
N PRO A 278 -22.61 7.22 -10.28
CA PRO A 278 -23.56 8.26 -9.90
C PRO A 278 -24.11 8.07 -8.47
N GLY A 279 -24.14 9.16 -7.73
CA GLY A 279 -24.71 9.20 -6.39
C GLY A 279 -23.71 8.87 -5.29
N ARG A 280 -22.45 8.66 -5.64
CA ARG A 280 -21.40 8.30 -4.69
C ARG A 280 -20.49 9.51 -4.32
N PRO A 281 -19.83 9.45 -3.15
CA PRO A 281 -18.81 10.45 -2.79
C PRO A 281 -17.73 10.66 -3.89
N ASP A 282 -17.32 11.93 -4.11
CA ASP A 282 -16.23 12.27 -5.03
C ASP A 282 -14.93 11.54 -4.56
N PRO A 283 -13.98 11.39 -5.48
CA PRO A 283 -12.70 10.84 -5.08
C PRO A 283 -12.05 11.61 -3.93
N LEU A 284 -12.11 12.95 -3.95
CA LEU A 284 -11.58 13.74 -2.85
C LEU A 284 -12.12 13.39 -1.49
N THR A 285 -13.44 13.28 -1.37
CA THR A 285 -14.04 12.85 -0.16
C THR A 285 -13.46 11.48 0.27
N LEU A 286 -13.24 10.57 -0.66
CA LEU A 286 -12.76 9.27 -0.30
C LEU A 286 -11.30 9.32 0.11
N TYR A 287 -10.47 10.09 -0.58
CA TYR A 287 -9.07 10.21 -0.15
C TYR A 287 -9.03 10.71 1.26
N HIS A 288 -9.87 11.72 1.56
CA HIS A 288 -9.92 12.25 2.94
C HIS A 288 -10.47 11.29 3.98
N LYS A 289 -11.32 10.40 3.59
CA LYS A 289 -11.78 9.38 4.54
C LYS A 289 -10.64 8.38 4.82
N GLY A 290 -9.86 8.08 3.79
CA GLY A 290 -8.66 7.24 3.95
C GLY A 290 -7.70 7.80 4.98
N ILE A 291 -7.43 9.10 4.86
CA ILE A 291 -6.65 9.82 5.86
C ILE A 291 -7.28 9.81 7.28
N ALA A 292 -8.58 10.06 7.37
CA ALA A 292 -9.30 10.00 8.67
C ALA A 292 -9.21 8.63 9.33
N SER A 293 -9.25 7.56 8.52
CA SER A 293 -9.12 6.18 9.02
C SER A 293 -7.74 5.95 9.63
N ALA A 294 -6.70 6.45 8.93
CA ALA A 294 -5.32 6.31 9.40
C ALA A 294 -5.12 7.08 10.75
N LYS A 295 -5.66 8.30 10.79
CA LYS A 295 -5.63 9.13 12.01
C LYS A 295 -6.41 8.48 13.19
N THR A 296 -7.59 7.93 12.92
CA THR A 296 -8.44 7.32 13.96
C THR A 296 -7.93 5.98 14.48
N TYR A 297 -7.57 5.09 13.57
CA TYR A 297 -7.18 3.74 13.98
C TYR A 297 -5.69 3.43 14.05
N TYR A 298 -4.83 4.21 13.39
CA TYR A 298 -3.43 3.87 13.23
C TYR A 298 -2.49 5.01 13.63
N ARG A 299 -2.96 5.81 14.58
CA ARG A 299 -2.16 6.92 15.15
C ARG A 299 -1.52 7.84 14.08
N ASP A 300 -2.15 7.93 12.89
CA ASP A 300 -1.69 8.74 11.77
C ASP A 300 -0.23 8.38 11.43
N GLU A 301 0.08 7.08 11.41
CA GLU A 301 1.43 6.61 11.12
C GLU A 301 1.58 5.98 9.73
N HIS A 302 0.60 6.20 8.83
CA HIS A 302 0.59 5.60 7.50
C HIS A 302 0.97 6.66 6.48
N ILE A 303 1.74 6.27 5.48
CA ILE A 303 2.17 7.16 4.44
C ILE A 303 1.24 7.19 3.23
N TYR A 304 0.74 6.03 2.78
CA TYR A 304 0.04 5.99 1.52
C TYR A 304 -1.25 6.82 1.49
N PRO A 305 -1.92 6.99 2.63
CA PRO A 305 -3.16 7.81 2.51
C PRO A 305 -2.87 9.24 1.98
N TYR A 306 -1.76 9.83 2.41
CA TYR A 306 -1.39 11.12 1.88
C TYR A 306 -0.79 11.01 0.47
N MET A 307 -0.08 9.93 0.14
CA MET A 307 0.43 9.76 -1.21
C MET A 307 -0.71 9.61 -2.20
N TYR A 308 -1.74 8.86 -1.84
CA TYR A 308 -2.91 8.71 -2.74
C TYR A 308 -3.48 10.11 -3.05
N LEU A 309 -3.66 10.89 -1.99
CA LEU A 309 -4.21 12.25 -2.15
C LEU A 309 -3.32 13.13 -3.03
N ALA A 310 -2.02 13.12 -2.75
CA ALA A 310 -1.09 13.90 -3.52
C ALA A 310 -1.11 13.49 -4.99
N GLY A 311 -1.19 12.19 -5.27
CA GLY A 311 -1.26 11.76 -6.66
C GLY A 311 -2.46 12.30 -7.42
N TYR A 312 -3.60 12.26 -6.81
CA TYR A 312 -4.78 12.81 -7.38
C TYR A 312 -4.57 14.29 -7.73
N HIS A 313 -4.05 15.09 -6.78
CA HIS A 313 -3.83 16.52 -7.01
C HIS A 313 -2.81 16.74 -8.10
N CYS A 314 -1.76 15.92 -8.10
CA CYS A 314 -0.77 15.94 -9.13
C CYS A 314 -1.38 15.69 -10.51
N ARG A 315 -2.16 14.63 -10.66
CA ARG A 315 -2.82 14.34 -11.96
C ARG A 315 -3.74 15.47 -12.42
N ASN A 316 -4.31 16.19 -11.49
CA ASN A 316 -5.26 17.24 -11.79
C ASN A 316 -4.63 18.60 -11.79
N ARG A 317 -3.31 18.64 -11.65
CA ARG A 317 -2.47 19.84 -11.60
C ARG A 317 -2.91 20.85 -10.57
N ASN A 318 -3.34 20.36 -9.42
CA ASN A 318 -3.55 21.20 -8.26
C ASN A 318 -2.17 21.25 -7.55
N VAL A 319 -1.22 22.04 -8.02
CA VAL A 319 0.14 22.06 -7.41
C VAL A 319 0.13 22.35 -5.91
N ARG A 320 -0.64 23.35 -5.49
CA ARG A 320 -0.70 23.73 -4.11
C ARG A 320 -1.10 22.55 -3.24
N GLU A 321 -2.11 21.83 -3.72
CA GLU A 321 -2.72 20.80 -2.87
C GLU A 321 -1.88 19.55 -2.89
N ALA A 322 -1.23 19.34 -4.02
CA ALA A 322 -0.24 18.23 -4.13
C ALA A 322 0.95 18.47 -3.22
N LEU A 323 1.53 19.69 -3.24
CA LEU A 323 2.61 20.00 -2.32
C LEU A 323 2.22 19.85 -0.85
N GLN A 324 1.02 20.31 -0.48
CA GLN A 324 0.56 20.12 0.89
C GLN A 324 0.51 18.67 1.29
N ALA A 325 -0.04 17.85 0.41
CA ALA A 325 -0.24 16.44 0.74
C ALA A 325 1.14 15.76 0.79
N TRP A 326 2.08 16.15 -0.07
CA TRP A 326 3.47 15.63 0.07
C TRP A 326 4.16 16.10 1.33
N ALA A 327 4.00 17.35 1.73
CA ALA A 327 4.47 17.82 3.06
C ALA A 327 3.91 16.96 4.21
N ASP A 328 2.62 16.67 4.13
CA ASP A 328 2.01 15.74 5.08
C ASP A 328 2.61 14.33 5.10
N THR A 329 2.99 13.82 3.93
CA THR A 329 3.65 12.51 3.85
C THR A 329 4.98 12.58 4.60
N ALA A 330 5.70 13.66 4.40
CA ALA A 330 6.99 13.86 5.08
C ALA A 330 6.80 14.00 6.59
N THR A 331 5.73 14.66 6.99
CA THR A 331 5.46 14.79 8.44
C THR A 331 5.17 13.47 9.13
N VAL A 332 4.63 12.53 8.39
CA VAL A 332 4.50 11.17 8.89
C VAL A 332 5.84 10.48 8.99
N ILE A 333 6.63 10.49 7.91
CA ILE A 333 7.86 9.72 7.82
C ILE A 333 8.93 10.23 8.80
N GLN A 334 8.81 11.48 9.24
CA GLN A 334 9.89 12.08 10.07
C GLN A 334 10.08 11.39 11.42
N ASP A 335 9.03 10.77 11.91
CA ASP A 335 9.05 10.00 13.14
C ASP A 335 9.38 8.52 13.02
N TYR A 336 9.93 8.09 11.89
CA TYR A 336 10.41 6.73 11.70
C TYR A 336 11.96 6.82 11.62
N ASN A 337 12.61 5.67 11.82
CA ASN A 337 13.99 5.43 11.48
C ASN A 337 14.04 4.75 10.11
N TYR A 338 14.91 5.24 9.22
CA TYR A 338 15.04 4.62 7.93
C TYR A 338 15.90 3.36 8.13
N CYS A 339 15.33 2.20 7.85
CA CYS A 339 16.01 0.92 8.08
C CYS A 339 16.17 0.11 6.78
N ARG A 340 16.95 -0.94 6.85
CA ARG A 340 17.11 -1.79 5.73
C ARG A 340 15.77 -2.52 5.69
N GLU A 341 15.25 -2.66 4.49
CA GLU A 341 13.93 -3.24 4.17
C GLU A 341 12.87 -2.15 3.95
N ASP A 342 13.16 -0.88 4.24
CA ASP A 342 12.23 0.22 3.93
C ASP A 342 12.40 0.82 2.50
N GLU A 343 13.17 0.16 1.66
CA GLU A 343 13.56 0.73 0.36
C GLU A 343 12.40 1.20 -0.52
N GLU A 344 11.25 0.56 -0.47
CA GLU A 344 10.15 0.96 -1.32
C GLU A 344 9.67 2.37 -1.01
N ILE A 345 9.62 2.73 0.26
CA ILE A 345 9.19 4.11 0.61
C ILE A 345 10.26 5.16 0.32
N TYR A 346 11.52 4.78 0.48
CA TYR A 346 12.67 5.59 -0.01
C TYR A 346 12.52 5.86 -1.50
N LYS A 347 12.19 4.83 -2.27
CA LYS A 347 12.05 5.03 -3.72
C LYS A 347 10.92 6.00 -4.06
N GLU A 348 9.84 5.92 -3.31
CA GLU A 348 8.74 6.83 -3.52
C GLU A 348 9.08 8.30 -3.19
N PHE A 349 9.75 8.54 -2.06
CA PHE A 349 10.17 9.87 -1.71
C PHE A 349 11.18 10.36 -2.75
N PHE A 350 12.07 9.49 -3.18
CA PHE A 350 13.05 9.89 -4.17
C PHE A 350 12.39 10.36 -5.48
N GLU A 351 11.45 9.57 -6.01
CA GLU A 351 10.74 9.90 -7.25
C GLU A 351 9.92 11.21 -7.07
N VAL A 352 9.33 11.44 -5.91
CA VAL A 352 8.55 12.66 -5.69
C VAL A 352 9.45 13.84 -5.69
N ALA A 353 10.53 13.73 -4.96
CA ALA A 353 11.45 14.83 -4.80
C ALA A 353 12.20 15.14 -6.08
N ASN A 354 12.63 14.07 -6.76
CA ASN A 354 13.60 14.18 -7.84
C ASN A 354 13.05 13.98 -9.21
N ASP A 355 11.75 13.74 -9.34
CA ASP A 355 11.15 13.61 -10.65
C ASP A 355 9.81 14.35 -10.72
N VAL A 356 8.90 14.03 -9.80
CA VAL A 356 7.53 14.52 -9.93
C VAL A 356 7.43 16.01 -9.65
N ILE A 357 8.00 16.44 -8.54
CA ILE A 357 7.94 17.85 -8.15
C ILE A 357 8.66 18.71 -9.19
N PRO A 358 9.86 18.27 -9.65
CA PRO A 358 10.52 19.10 -10.65
C PRO A 358 9.70 19.28 -11.92
N ASN A 359 9.09 18.21 -12.38
CA ASN A 359 8.24 18.32 -13.58
C ASN A 359 6.99 19.14 -13.36
N LEU A 360 6.38 19.07 -12.19
CA LEU A 360 5.22 19.93 -11.87
C LEU A 360 5.63 21.39 -11.81
N LEU A 361 6.80 21.65 -11.22
CA LEU A 361 7.24 23.03 -11.10
C LEU A 361 7.73 23.62 -12.42
N LYS A 362 8.31 22.78 -13.28
CA LYS A 362 8.73 23.18 -14.63
C LYS A 362 7.51 23.64 -15.44
N GLU A 363 6.41 22.88 -15.40
CA GLU A 363 5.18 23.31 -16.07
C GLU A 363 4.58 24.55 -15.43
N ALA A 364 4.55 24.62 -14.10
CA ALA A 364 4.11 25.81 -13.40
C ALA A 364 4.89 27.03 -13.86
N ALA A 365 6.20 26.89 -14.07
CA ALA A 365 7.02 28.03 -14.50
C ALA A 365 6.67 28.51 -15.92
N SER A 366 6.47 27.58 -16.86
CA SER A 366 5.97 27.93 -18.19
C SER A 366 4.63 28.60 -18.13
N LEU A 367 3.70 28.12 -17.30
CA LEU A 367 2.38 28.73 -17.24
C LEU A 367 2.43 30.11 -16.60
N LEU A 368 3.30 30.28 -15.59
CA LEU A 368 3.54 31.62 -15.06
C LEU A 368 4.11 32.57 -16.12
N GLU A 369 5.07 32.12 -16.92
CA GLU A 369 5.55 32.95 -18.01
C GLU A 369 4.41 33.33 -18.97
N ALA A 370 3.40 32.46 -19.09
CA ALA A 370 2.27 32.73 -19.93
C ALA A 370 1.14 33.53 -19.25
N GLY A 371 1.34 33.88 -18.01
CA GLY A 371 0.46 34.80 -17.36
C GLY A 371 -0.56 34.24 -16.40
N SER A 372 -0.36 33.04 -15.89
CA SER A 372 -1.30 32.53 -14.95
C SER A 372 -1.37 33.38 -13.67
N GLN A 373 -2.55 33.38 -13.08
CA GLN A 373 -2.81 34.01 -11.82
C GLN A 373 -3.08 32.95 -10.79
N GLY A 374 -2.81 33.27 -9.54
CA GLY A 374 -2.94 32.29 -8.47
C GLY A 374 -1.98 31.11 -8.55
N SER A 375 -0.91 31.26 -9.35
CA SER A 375 0.17 30.26 -9.47
C SER A 375 0.74 29.84 -8.14
N ALA A 376 0.97 28.55 -7.99
CA ALA A 376 1.69 28.03 -6.84
C ALA A 376 3.03 28.72 -6.66
N LEU A 377 3.69 29.11 -7.78
CA LEU A 377 5.03 29.69 -7.68
C LEU A 377 5.03 31.11 -7.12
N GLN A 378 3.85 31.71 -6.99
CA GLN A 378 3.71 33.04 -6.40
C GLN A 378 3.09 32.93 -5.02
N ASP A 379 2.86 31.69 -4.55
CA ASP A 379 2.20 31.51 -3.26
C ASP A 379 3.22 31.08 -2.21
N PRO A 380 3.53 31.96 -1.23
CA PRO A 380 4.47 31.57 -0.17
C PRO A 380 4.03 30.34 0.65
N GLU A 381 2.73 30.07 0.73
CA GLU A 381 2.28 28.87 1.41
C GLU A 381 2.75 27.59 0.67
N CYS A 382 2.83 27.68 -0.67
CA CYS A 382 3.34 26.58 -1.48
C CYS A 382 4.84 26.39 -1.27
N PHE A 383 5.57 27.49 -1.18
CA PHE A 383 7.00 27.41 -0.88
C PHE A 383 7.18 26.73 0.49
N ALA A 384 6.34 27.12 1.46
CA ALA A 384 6.38 26.52 2.80
C ALA A 384 6.14 25.01 2.78
N HIS A 385 5.19 24.57 1.94
CA HIS A 385 4.94 23.14 1.79
C HIS A 385 6.19 22.42 1.27
N LEU A 386 6.84 23.00 0.26
CA LEU A 386 8.03 22.39 -0.29
C LEU A 386 9.07 22.26 0.82
N LEU A 387 9.25 23.34 1.60
CA LEU A 387 10.21 23.30 2.68
C LEU A 387 9.85 22.27 3.77
N ARG A 388 8.56 22.13 4.06
CA ARG A 388 8.13 21.15 5.07
C ARG A 388 8.37 19.72 4.57
N PHE A 389 8.21 19.49 3.27
CA PHE A 389 8.49 18.20 2.69
C PHE A 389 9.96 17.80 2.91
N TYR A 390 10.90 18.69 2.60
CA TYR A 390 12.28 18.42 2.81
C TYR A 390 12.61 18.30 4.29
N ASP A 391 11.97 19.11 5.14
CA ASP A 391 12.20 19.03 6.57
C ASP A 391 11.91 17.62 7.09
N GLY A 392 10.77 17.04 6.70
CA GLY A 392 10.42 15.71 7.22
C GLY A 392 11.39 14.67 6.72
N ILE A 393 11.86 14.82 5.48
CA ILE A 393 12.82 13.87 4.95
C ILE A 393 14.15 13.98 5.73
N CYS A 394 14.61 15.19 5.98
CA CYS A 394 15.80 15.37 6.81
C CYS A 394 15.65 14.80 8.23
N LYS A 395 14.49 15.01 8.84
CA LYS A 395 14.26 14.52 10.17
C LYS A 395 14.19 12.99 10.23
N TRP A 396 13.54 12.38 9.24
CA TRP A 396 13.56 10.93 9.04
C TRP A 396 14.96 10.38 9.15
N GLU A 397 15.88 11.05 8.46
CA GLU A 397 17.24 10.62 8.40
C GLU A 397 17.94 10.64 9.78
N GLU A 398 17.56 11.58 10.63
CA GLU A 398 18.14 11.73 11.97
C GLU A 398 17.91 10.50 12.83
N GLY A 399 19.02 9.96 13.32
CA GLY A 399 18.93 8.81 14.17
C GLY A 399 18.83 7.50 13.42
N SER A 400 18.69 7.52 12.09
CA SER A 400 18.51 6.26 11.38
C SER A 400 19.84 5.52 11.15
N PRO A 401 19.77 4.20 11.04
CA PRO A 401 21.03 3.44 10.91
C PRO A 401 21.69 3.51 9.52
N THR A 402 20.91 3.92 8.51
CA THR A 402 21.38 4.22 7.15
C THR A 402 20.98 5.68 6.80
N PRO A 403 21.86 6.43 6.10
CA PRO A 403 21.52 7.77 5.59
C PRO A 403 20.40 7.74 4.53
N VAL A 404 19.79 8.89 4.26
CA VAL A 404 18.76 9.02 3.24
C VAL A 404 19.27 9.95 2.14
N LEU A 405 19.78 11.11 2.52
CA LEU A 405 20.07 12.16 1.56
C LEU A 405 21.46 12.02 0.99
N HIS A 406 21.63 12.43 -0.25
CA HIS A 406 22.95 12.48 -0.84
C HIS A 406 22.98 13.57 -1.92
N VAL A 407 24.12 13.80 -2.56
CA VAL A 407 24.21 14.97 -3.46
C VAL A 407 23.28 14.92 -4.70
N GLY A 408 22.94 13.73 -5.16
CA GLY A 408 21.82 13.53 -6.14
C GLY A 408 20.57 14.27 -5.76
N TRP A 409 20.23 14.27 -4.47
CA TRP A 409 19.05 15.03 -4.02
C TRP A 409 19.27 16.57 -4.02
N ALA A 410 20.51 17.03 -3.80
CA ALA A 410 20.78 18.43 -3.62
C ALA A 410 20.51 19.23 -4.88
N THR A 411 20.87 18.66 -6.02
CA THR A 411 20.72 19.37 -7.28
C THR A 411 19.25 19.68 -7.55
N PHE A 412 18.38 18.71 -7.30
CA PHE A 412 16.95 18.96 -7.45
C PHE A 412 16.39 19.96 -6.46
N LEU A 413 16.87 19.93 -5.22
CA LEU A 413 16.48 20.90 -4.20
C LEU A 413 16.80 22.31 -4.67
N VAL A 414 18.03 22.51 -5.11
CA VAL A 414 18.42 23.82 -5.61
C VAL A 414 17.52 24.26 -6.73
N GLN A 415 17.27 23.38 -7.70
CA GLN A 415 16.45 23.76 -8.85
C GLN A 415 15.02 24.09 -8.39
N SER A 416 14.45 23.26 -7.51
CA SER A 416 13.07 23.49 -7.04
C SER A 416 12.93 24.83 -6.23
N LEU A 417 13.81 25.08 -5.27
CA LEU A 417 13.83 26.39 -4.61
C LEU A 417 13.86 27.54 -5.61
N GLY A 418 14.68 27.38 -6.66
CA GLY A 418 14.91 28.42 -7.67
C GLY A 418 13.68 28.75 -8.51
N ARG A 419 12.72 27.83 -8.54
CA ARG A 419 11.44 28.07 -9.23
C ARG A 419 10.58 29.14 -8.59
N PHE A 420 10.84 29.42 -7.32
CA PHE A 420 10.16 30.48 -6.59
C PHE A 420 11.07 31.68 -6.55
N GLU A 421 10.51 32.80 -7.02
CA GLU A 421 11.22 34.10 -6.94
C GLU A 421 11.60 34.46 -5.49
N GLY A 422 12.74 35.15 -5.30
CA GLY A 422 13.17 35.63 -3.96
C GLY A 422 12.09 36.35 -3.18
N GLN A 423 11.28 37.16 -3.88
CA GLN A 423 10.17 37.91 -3.24
C GLN A 423 9.06 37.03 -2.68
N VAL A 424 8.88 35.86 -3.27
CA VAL A 424 7.93 34.90 -2.73
C VAL A 424 8.53 34.16 -1.54
N ARG A 425 9.78 33.73 -1.70
CA ARG A 425 10.48 32.98 -0.68
C ARG A 425 10.62 33.80 0.61
N GLN A 426 10.87 35.12 0.47
CA GLN A 426 11.04 36.00 1.63
C GLN A 426 9.80 36.09 2.53
N LYS A 427 8.62 35.76 2.00
CA LYS A 427 7.40 35.91 2.74
C LYS A 427 7.14 34.79 3.76
N VAL A 428 7.91 33.71 3.68
CA VAL A 428 7.75 32.65 4.65
C VAL A 428 8.51 33.03 5.90
N ARG A 429 7.83 33.00 7.04
CA ARG A 429 8.50 33.20 8.33
C ARG A 429 8.88 31.86 8.96
N ILE A 430 10.16 31.66 9.13
CA ILE A 430 10.64 30.41 9.73
C ILE A 430 10.92 30.74 11.21
N VAL A 431 10.14 30.12 12.09
CA VAL A 431 10.26 30.43 13.52
C VAL A 431 10.70 29.22 14.26
N SER A 432 11.45 29.42 15.34
CA SER A 432 11.95 28.31 16.15
C SER A 432 10.98 27.97 17.27
N PRO A 445 2.70 33.57 6.16
CA PRO A 445 2.95 32.14 6.43
C PRO A 445 4.10 31.92 7.42
N VAL A 446 3.91 30.91 8.29
CA VAL A 446 4.85 30.60 9.35
C VAL A 446 5.06 29.09 9.31
N LEU A 447 6.29 28.69 9.57
CA LEU A 447 6.69 27.29 9.44
C LEU A 447 7.71 27.02 10.53
N THR A 448 7.66 25.86 11.17
CA THR A 448 8.73 25.50 12.10
C THR A 448 9.45 24.28 11.53
N PHE A 449 10.77 24.29 11.59
CA PHE A 449 11.52 23.13 11.18
C PHE A 449 11.82 22.22 12.34
N GLN A 450 11.71 20.93 12.11
CA GLN A 450 12.07 19.88 13.10
C GLN A 450 13.47 19.40 12.87
N SER A 451 13.93 19.47 11.63
CA SER A 451 15.28 18.94 11.32
C SER A 451 16.39 19.92 11.55
N GLU A 452 17.52 19.42 12.03
CA GLU A 452 18.70 20.29 12.12
C GLU A 452 19.24 20.70 10.71
N LYS A 453 19.20 19.81 9.72
CA LYS A 453 19.62 20.19 8.38
C LYS A 453 18.90 21.45 7.90
N MET A 454 17.57 21.47 8.02
CA MET A 454 16.84 22.63 7.46
C MET A 454 16.98 23.88 8.34
N LYS A 455 17.10 23.68 9.65
CA LYS A 455 17.34 24.84 10.52
C LYS A 455 18.62 25.59 10.09
N GLY A 456 19.67 24.85 9.78
CA GLY A 456 20.91 25.49 9.33
C GLY A 456 20.72 26.09 7.94
N MET A 457 19.69 25.67 7.22
CA MET A 457 19.51 26.12 5.84
C MET A 457 18.75 27.40 5.78
N LYS A 458 18.16 27.83 6.90
CA LYS A 458 17.16 28.88 6.86
C LYS A 458 17.66 30.16 6.20
N GLU A 459 18.89 30.49 6.60
N GLU A 459 18.83 30.68 6.53
CA GLU A 459 19.77 31.60 6.15
CA GLU A 459 19.20 31.95 5.92
C GLU A 459 19.85 31.77 4.62
C GLU A 459 19.43 31.82 4.40
N LEU A 460 19.88 30.65 3.93
CA LEU A 460 20.13 30.54 2.50
C LEU A 460 18.86 30.57 1.63
N LEU A 461 17.70 30.36 2.25
CA LEU A 461 16.48 30.04 1.53
C LEU A 461 15.78 31.29 1.01
N VAL A 462 16.21 32.47 1.44
CA VAL A 462 15.51 33.73 1.09
C VAL A 462 16.32 34.71 0.21
N ALA A 463 17.58 34.38 -0.07
CA ALA A 463 18.40 35.21 -0.93
C ALA A 463 17.93 35.15 -2.37
N THR A 464 18.01 36.30 -3.06
CA THR A 464 17.49 36.44 -4.43
C THR A 464 18.24 35.51 -5.35
N LYS A 465 19.53 35.35 -5.06
CA LYS A 465 20.40 34.35 -5.73
C LYS A 465 20.55 33.22 -4.73
N ILE A 466 20.14 32.04 -5.13
CA ILE A 466 20.30 30.85 -4.30
C ILE A 466 21.77 30.39 -4.29
N ASN A 467 22.40 30.32 -3.11
CA ASN A 467 23.76 29.74 -3.01
C ASN A 467 23.74 28.23 -3.08
N SER A 468 23.88 27.74 -4.31
CA SER A 468 23.79 26.36 -4.64
C SER A 468 24.83 25.51 -3.90
N SER A 469 26.11 25.91 -3.91
CA SER A 469 27.12 25.12 -3.26
C SER A 469 26.86 25.02 -1.73
N ALA A 470 26.42 26.11 -1.10
CA ALA A 470 26.21 26.11 0.38
C ALA A 470 25.01 25.22 0.68
N ILE A 471 23.98 25.28 -0.17
CA ILE A 471 22.79 24.40 0.02
C ILE A 471 23.20 22.96 -0.06
N LYS A 472 24.03 22.66 -1.04
CA LYS A 472 24.52 21.30 -1.21
C LYS A 472 25.27 20.85 0.01
N LEU A 473 26.12 21.70 0.55
CA LEU A 473 26.91 21.30 1.73
C LEU A 473 25.99 21.04 2.95
N GLN A 474 25.00 21.87 3.10
CA GLN A 474 24.12 21.74 4.24
C GLN A 474 23.23 20.51 4.12
N LEU A 475 22.77 20.17 2.91
CA LEU A 475 21.87 19.02 2.74
C LEU A 475 22.59 17.70 2.88
N THR A 476 23.86 17.65 2.52
CA THR A 476 24.56 16.39 2.52
C THR A 476 25.58 16.28 3.65
N ALA A 477 25.70 17.35 4.42
CA ALA A 477 26.65 17.48 5.52
C ALA A 477 28.07 17.12 5.07
N GLN A 478 28.39 17.62 3.88
CA GLN A 478 29.65 17.37 3.24
C GLN A 478 30.59 18.35 3.92
N SER A 479 31.74 17.86 4.33
CA SER A 479 32.59 18.61 5.28
C SER A 479 33.45 19.61 4.50
N GLN A 480 33.84 19.20 3.30
CA GLN A 480 34.90 19.86 2.57
C GLN A 480 34.52 20.17 1.13
N VAL A 481 35.19 21.16 0.55
CA VAL A 481 35.11 21.46 -0.90
C VAL A 481 36.40 21.01 -1.57
N GLN A 482 36.43 20.96 -2.90
CA GLN A 482 37.59 20.40 -3.63
C GLN A 482 38.90 21.18 -3.36
N MET A 483 40.01 20.45 -3.31
CA MET A 483 41.31 21.03 -2.96
C MET A 483 41.81 22.10 -3.94
N LYS A 484 41.91 21.74 -5.20
CA LYS A 484 42.37 22.65 -6.25
C LYS A 484 41.26 23.62 -6.70
S SO4 B . -28.95 -20.43 -14.08
O1 SO4 B . -28.39 -21.60 -14.82
O2 SO4 B . -30.42 -20.31 -14.33
O3 SO4 B . -28.25 -19.22 -14.55
O4 SO4 B . -28.75 -20.58 -12.62
S SO4 C . 7.95 -17.71 -14.71
O1 SO4 C . 7.17 -18.94 -14.40
O2 SO4 C . 7.80 -17.38 -16.16
O3 SO4 C . 7.44 -16.57 -13.89
O4 SO4 C . 9.37 -17.99 -14.42
S SO4 D . 13.93 24.79 -17.50
O1 SO4 D . 14.16 23.39 -17.09
O2 SO4 D . 14.24 24.92 -18.94
O3 SO4 D . 12.51 25.17 -17.33
O4 SO4 D . 14.82 25.66 -16.68
S SO4 E . -1.72 25.77 -8.94
O1 SO4 E . -2.43 24.85 -9.87
O2 SO4 E . -0.35 26.06 -9.50
O3 SO4 E . -1.70 25.20 -7.54
O4 SO4 E . -2.43 27.10 -8.92
C4 3XY F . -2.37 -3.35 0.80
C5 3XY F . -1.37 -2.72 0.09
C6 3XY F . -1.76 -1.72 -0.81
N1 3XY F . -3.09 -1.45 -1.02
N3 3XY F . -3.69 -3.08 0.63
FAB 3XY F . 2.36 -6.83 1.75
CBG 3XY F . 1.27 -6.23 1.30
FAC 3XY F . 0.22 -6.98 1.62
FAD 3XY F . 1.35 -6.13 0.00
CAQ 3XY F . 1.12 -4.84 1.92
CAY 3XY F . -0.13 -4.17 1.39
SAV 3XY F . -1.70 -4.51 1.92
CAK 3XY F . -0.14 -3.18 0.44
C2 3XY F . -4.06 -2.08 -0.27
NAT 3XY F . -0.84 -1.03 -1.54
CBE 3XY F . -1.28 0.02 -2.50
CAM 3XY F . -0.36 1.20 -2.22
CAO 3XY F . -0.61 2.36 -3.20
CAL 3XY F . -1.19 -0.48 -3.96
CAN 3XY F . -1.25 0.69 -4.92
NBF 3XY F . -0.32 1.85 -4.57
CAP 3XY F . -0.55 2.91 -5.62
CAW 3XY F . 0.36 4.06 -5.48
CAI 3XY F . -0.11 5.38 -5.38
CBA 3XY F . 0.75 6.43 -5.31
CAJ 3XY F . 0.54 7.78 -5.19
CAX 3XY F . 1.75 8.36 -5.13
CAE 3XY F . 2.11 9.72 -5.03
NAA 3XY F . 2.37 10.81 -4.93
NAU 3XY F . 2.68 7.45 -5.19
CBB 3XY F . 2.07 6.26 -5.30
CAH 3XY F . 2.61 5.00 -5.40
CAG 3XY F . 1.77 3.89 -5.52
O1 PG4 G . 16.60 4.15 -5.62
C1 PG4 G . 15.51 4.82 -6.20
C2 PG4 G . 16.00 6.16 -6.67
O2 PG4 G . 17.15 6.05 -7.52
C3 PG4 G . 18.31 6.48 -6.86
C4 PG4 G . 19.48 6.01 -7.72
O3 PG4 G . 20.65 6.85 -7.59
C5 PG4 G . 21.27 6.73 -6.37
C6 PG4 G . 22.33 5.63 -6.41
O4 PG4 G . 22.57 5.05 -5.07
C7 PG4 G . 21.51 5.31 -4.15
C8 PG4 G . 21.81 4.63 -2.83
O5 PG4 G . 20.96 5.31 -1.85
S DMS H . -1.86 -5.56 -1.99
O DMS H . -0.92 -4.66 -2.70
C1 DMS H . -3.46 -5.25 -2.45
C2 DMS H . -1.68 -7.16 -2.58
C1 EDO I . 10.44 -18.05 -3.09
O1 EDO I . 10.13 -19.41 -2.77
C2 EDO I . 11.17 -17.34 -1.92
O2 EDO I . 12.03 -16.23 -2.37
S DMS J . -4.92 35.54 -17.38
O DMS J . -6.29 35.70 -17.94
C1 DMS J . -4.87 34.42 -16.09
C2 DMS J . -3.96 34.87 -18.59
#